data_1Y6K
#
_entry.id   1Y6K
#
_cell.length_a   46.440
_cell.length_b   46.440
_cell.length_c   309.250
_cell.angle_alpha   90.00
_cell.angle_beta   90.00
_cell.angle_gamma   120.00
#
_symmetry.space_group_name_H-M   'P 32 1 2'
#
loop_
_entity.id
_entity.type
_entity.pdbx_description
1 polymer Interleukin-10
2 polymer 'Interleukin-10 receptor alpha chain'
3 water water
#
loop_
_entity_poly.entity_id
_entity_poly.type
_entity_poly.pdbx_seq_one_letter_code
_entity_poly.pdbx_strand_id
1 'polypeptide(L)'
;SPGQGTQSENSCTHFPGNLPNMLRDLRDAFSRVKTFFQMKDQLDNLLLKESLLEDFKGYLGCQALSEMIQFYLEEVMPQA
ENQDPDIKAHVNSLGENLKTLRLRLRRCHRFLPCENKSKAVEQVKNAFNKLQEKGIYKAMSEFDIFINYIEAYMTMKIRN
;
L
2 'polypeptide(L)'
;HGTELPSPPSVWFEAEFFHHILHWTPIPQQSESTCYEVALLRYGIESWNSISQCSQTLSYDLTAVTLDLYHSNGYRARVR
AVDGSRHSQWTVTNTRFSVDEVTLTVGSVNLEIHNGFILGKIQLPRPKMAPAQDTYESIFSHFREYEIAIRKVPGQFTFT
HKKVKHEQFSLLTSGEVGEFCVQVKPSVASRSNKGMWSKEECISLTRQYFTVTN
;
R
#
# COMPACT_ATOMS: atom_id res chain seq x y z
N CYS A 12 -3.26 -8.07 -24.01
CA CYS A 12 -3.06 -6.65 -23.58
C CYS A 12 -3.98 -5.68 -24.33
N THR A 13 -4.71 -4.86 -23.56
CA THR A 13 -5.61 -3.86 -24.14
C THR A 13 -5.06 -2.48 -23.81
N HIS A 14 -3.76 -2.30 -24.05
CA HIS A 14 -3.08 -1.03 -23.77
C HIS A 14 -3.08 -0.82 -22.26
N PHE A 15 -3.80 -1.69 -21.55
CA PHE A 15 -3.93 -1.62 -20.10
C PHE A 15 -4.41 -0.22 -19.75
N PRO A 16 -5.70 0.06 -20.02
CA PRO A 16 -6.27 1.38 -19.72
C PRO A 16 -5.98 1.71 -18.26
N GLY A 17 -5.92 0.64 -17.46
CA GLY A 17 -5.64 0.78 -16.05
C GLY A 17 -6.34 -0.33 -15.31
N ASN A 18 -5.91 -1.57 -15.54
CA ASN A 18 -6.49 -2.72 -14.88
C ASN A 18 -5.48 -3.26 -13.87
N LEU A 19 -4.31 -2.61 -13.83
CA LEU A 19 -3.23 -3.01 -12.94
C LEU A 19 -3.48 -2.77 -11.45
N PRO A 20 -4.00 -1.59 -11.08
CA PRO A 20 -4.25 -1.32 -9.65
C PRO A 20 -4.90 -2.50 -8.92
N ASN A 21 -6.04 -2.95 -9.44
CA ASN A 21 -6.77 -4.06 -8.87
C ASN A 21 -5.84 -5.24 -8.61
N MET A 22 -4.72 -5.28 -9.34
CA MET A 22 -3.75 -6.36 -9.18
C MET A 22 -2.76 -6.11 -8.05
N LEU A 23 -2.49 -4.85 -7.76
CA LEU A 23 -1.60 -4.50 -6.67
C LEU A 23 -2.41 -4.67 -5.37
N ARG A 24 -3.67 -4.21 -5.38
CA ARG A 24 -4.49 -4.39 -4.18
C ARG A 24 -4.57 -5.88 -3.89
N ASP A 25 -4.68 -6.68 -4.94
CA ASP A 25 -4.73 -8.12 -4.79
C ASP A 25 -3.45 -8.62 -4.15
N LEU A 26 -2.33 -8.02 -4.51
CA LEU A 26 -1.03 -8.41 -3.98
C LEU A 26 -0.88 -8.02 -2.51
N ARG A 27 -1.22 -6.77 -2.19
CA ARG A 27 -1.13 -6.31 -0.81
C ARG A 27 -2.10 -7.11 0.08
N ASP A 28 -3.35 -7.21 -0.36
CA ASP A 28 -4.37 -7.95 0.40
C ASP A 28 -3.89 -9.35 0.70
N ALA A 29 -3.07 -9.90 -0.19
CA ALA A 29 -2.52 -11.23 -0.01
C ALA A 29 -1.45 -11.14 1.06
N PHE A 30 -0.65 -10.07 0.98
CA PHE A 30 0.43 -9.87 1.94
C PHE A 30 -0.08 -9.62 3.36
N SER A 31 -1.14 -8.83 3.51
CA SER A 31 -1.69 -8.58 4.85
C SER A 31 -1.95 -9.88 5.60
N ARG A 32 -2.30 -10.93 4.85
CA ARG A 32 -2.58 -12.25 5.42
C ARG A 32 -1.36 -12.91 6.07
N VAL A 33 -0.18 -12.34 5.86
CA VAL A 33 1.04 -12.91 6.43
C VAL A 33 1.92 -11.81 7.01
N LYS A 34 1.42 -10.59 6.96
CA LYS A 34 2.14 -9.42 7.45
C LYS A 34 2.59 -9.56 8.90
N THR A 35 1.65 -9.87 9.78
CA THR A 35 1.97 -9.98 11.20
C THR A 35 2.92 -11.12 11.56
N PHE A 36 2.71 -12.28 10.95
CA PHE A 36 3.55 -13.44 11.21
C PHE A 36 5.03 -13.08 11.04
N PHE A 37 5.39 -12.63 9.85
CA PHE A 37 6.79 -12.29 9.56
C PHE A 37 7.25 -11.00 10.21
N GLN A 38 6.35 -10.05 10.37
CA GLN A 38 6.76 -8.80 10.98
C GLN A 38 6.95 -8.95 12.48
N MET A 39 6.39 -10.01 13.04
CA MET A 39 6.57 -10.28 14.46
C MET A 39 7.85 -11.11 14.53
N LYS A 40 8.08 -11.90 13.48
CA LYS A 40 9.24 -12.77 13.36
C LYS A 40 10.54 -12.01 13.11
N ASP A 41 10.49 -11.00 12.25
CA ASP A 41 11.69 -10.21 11.93
C ASP A 41 11.96 -9.15 12.99
N GLN A 42 12.99 -9.38 13.79
CA GLN A 42 13.36 -8.48 14.88
C GLN A 42 14.47 -7.50 14.57
N LEU A 43 15.11 -7.65 13.40
CA LEU A 43 16.20 -6.76 13.01
C LEU A 43 15.59 -5.45 12.51
N ASP A 44 16.34 -4.36 12.56
CA ASP A 44 15.83 -3.06 12.13
C ASP A 44 16.56 -2.39 10.96
N ASN A 45 17.47 -3.11 10.33
CA ASN A 45 18.17 -2.54 9.17
C ASN A 45 17.30 -2.85 7.96
N LEU A 46 17.38 -2.00 6.95
CA LEU A 46 16.59 -2.21 5.74
C LEU A 46 17.35 -3.20 4.88
N LEU A 47 16.65 -4.20 4.34
CA LEU A 47 17.31 -5.19 3.48
C LEU A 47 17.20 -4.68 2.05
N LEU A 48 15.99 -4.32 1.64
CA LEU A 48 15.74 -3.82 0.31
C LEU A 48 16.10 -2.35 0.27
N LYS A 49 17.40 -2.06 0.21
CA LYS A 49 17.91 -0.70 0.18
C LYS A 49 17.27 0.11 -0.93
N GLU A 50 17.31 1.42 -0.81
CA GLU A 50 16.73 2.28 -1.83
C GLU A 50 17.63 2.31 -3.06
N SER A 51 18.75 1.61 -2.99
CA SER A 51 19.66 1.57 -4.13
C SER A 51 18.91 0.75 -5.16
N LEU A 52 18.18 -0.24 -4.65
CA LEU A 52 17.38 -1.12 -5.49
C LEU A 52 16.30 -0.30 -6.17
N LEU A 53 15.80 0.70 -5.46
CA LEU A 53 14.76 1.57 -6.00
C LEU A 53 15.32 2.37 -7.15
N GLU A 54 16.49 2.97 -6.93
CA GLU A 54 17.14 3.76 -7.98
C GLU A 54 17.35 2.87 -9.20
N ASP A 55 17.72 1.62 -8.99
CA ASP A 55 17.93 0.68 -10.09
C ASP A 55 16.63 0.51 -10.88
N PHE A 56 15.51 0.41 -10.16
CA PHE A 56 14.21 0.25 -10.80
C PHE A 56 13.89 1.47 -11.65
N LYS A 57 14.60 2.56 -11.39
CA LYS A 57 14.41 3.81 -12.12
C LYS A 57 15.52 4.03 -13.15
N GLY A 58 16.60 3.26 -13.01
CA GLY A 58 17.70 3.37 -13.95
C GLY A 58 17.30 2.67 -15.23
N TYR A 59 18.10 2.81 -16.27
CA TYR A 59 17.77 2.14 -17.52
C TYR A 59 18.15 0.67 -17.51
N LEU A 60 18.06 0.08 -16.32
CA LEU A 60 18.34 -1.34 -16.10
C LEU A 60 17.11 -1.80 -15.31
N GLY A 61 16.18 -0.88 -15.12
CA GLY A 61 14.95 -1.14 -14.38
C GLY A 61 14.29 -2.47 -14.65
N CYS A 62 13.94 -2.72 -15.90
CA CYS A 62 13.29 -3.97 -16.27
C CYS A 62 14.07 -5.17 -15.75
N GLN A 63 15.37 -5.21 -16.04
CA GLN A 63 16.17 -6.33 -15.60
C GLN A 63 16.20 -6.48 -14.08
N ALA A 64 16.24 -5.36 -13.39
CA ALA A 64 16.27 -5.36 -11.92
C ALA A 64 14.96 -5.92 -11.36
N LEU A 65 13.86 -5.49 -11.97
CA LEU A 65 12.53 -5.92 -11.55
C LEU A 65 12.27 -7.40 -11.80
N SER A 66 12.74 -7.90 -12.94
CA SER A 66 12.56 -9.31 -13.31
C SER A 66 13.31 -10.19 -12.34
N GLU A 67 14.52 -9.78 -12.02
CA GLU A 67 15.37 -10.52 -11.11
C GLU A 67 14.75 -10.65 -9.73
N MET A 68 14.21 -9.54 -9.22
CA MET A 68 13.58 -9.58 -7.90
C MET A 68 12.39 -10.52 -7.88
N ILE A 69 11.48 -10.35 -8.85
CA ILE A 69 10.32 -11.22 -8.91
C ILE A 69 10.81 -12.66 -8.94
N GLN A 70 11.86 -12.92 -9.71
CA GLN A 70 12.44 -14.26 -9.79
C GLN A 70 13.00 -14.70 -8.44
N PHE A 71 13.74 -13.78 -7.83
CA PHE A 71 14.35 -13.99 -6.52
C PHE A 71 13.31 -14.42 -5.49
N TYR A 72 12.25 -13.62 -5.35
CA TYR A 72 11.19 -13.94 -4.40
C TYR A 72 10.52 -15.27 -4.68
N LEU A 73 10.04 -15.45 -5.91
CA LEU A 73 9.37 -16.66 -6.34
C LEU A 73 10.20 -17.95 -6.32
N GLU A 74 11.51 -17.82 -6.53
CA GLU A 74 12.39 -19.00 -6.57
C GLU A 74 13.14 -19.29 -5.27
N GLU A 75 13.74 -18.25 -4.70
CA GLU A 75 14.53 -18.39 -3.48
C GLU A 75 13.75 -18.16 -2.20
N VAL A 76 13.35 -16.90 -1.99
CA VAL A 76 12.63 -16.50 -0.79
C VAL A 76 11.36 -17.28 -0.40
N MET A 77 10.29 -17.08 -1.15
CA MET A 77 9.01 -17.75 -0.86
C MET A 77 9.11 -19.27 -0.70
N PRO A 78 9.85 -19.96 -1.58
CA PRO A 78 10.00 -21.41 -1.47
C PRO A 78 10.64 -21.86 -0.15
N GLN A 79 11.62 -21.08 0.30
CA GLN A 79 12.32 -21.39 1.53
C GLN A 79 11.51 -21.09 2.79
N ALA A 80 10.57 -20.16 2.68
CA ALA A 80 9.71 -19.79 3.82
C ALA A 80 8.46 -20.65 3.86
N GLU A 81 7.83 -20.85 2.71
CA GLU A 81 6.63 -21.65 2.63
C GLU A 81 6.92 -23.03 3.19
N ASN A 82 8.07 -23.57 2.82
CA ASN A 82 8.46 -24.89 3.27
C ASN A 82 8.83 -24.88 4.75
N GLN A 83 9.80 -24.05 5.11
CA GLN A 83 10.28 -23.93 6.49
C GLN A 83 9.18 -23.85 7.56
N ASP A 84 8.09 -23.16 7.26
CA ASP A 84 6.99 -23.03 8.21
C ASP A 84 5.63 -23.21 7.54
N PRO A 85 5.22 -24.46 7.30
CA PRO A 85 3.95 -24.78 6.65
C PRO A 85 2.77 -24.00 7.22
N ASP A 86 2.93 -23.47 8.43
CA ASP A 86 1.87 -22.69 9.07
C ASP A 86 1.24 -21.74 8.06
N ILE A 87 2.10 -21.08 7.28
CA ILE A 87 1.65 -20.12 6.27
C ILE A 87 2.01 -20.52 4.85
N LYS A 88 2.59 -21.72 4.70
CA LYS A 88 3.00 -22.22 3.39
C LYS A 88 1.93 -21.98 2.34
N ALA A 89 0.68 -21.91 2.78
CA ALA A 89 -0.43 -21.68 1.88
C ALA A 89 -0.57 -20.18 1.66
N HIS A 90 -0.83 -19.46 2.75
CA HIS A 90 -1.00 -18.01 2.72
C HIS A 90 0.12 -17.35 1.90
N VAL A 91 1.31 -17.95 1.92
CA VAL A 91 2.45 -17.43 1.17
C VAL A 91 2.38 -17.78 -0.30
N ASN A 92 2.06 -19.05 -0.59
CA ASN A 92 1.96 -19.49 -1.97
C ASN A 92 0.90 -18.64 -2.68
N SER A 93 -0.16 -18.29 -1.96
CA SER A 93 -1.23 -17.48 -2.51
C SER A 93 -0.64 -16.16 -2.97
N LEU A 94 0.19 -15.58 -2.13
CA LEU A 94 0.84 -14.31 -2.45
C LEU A 94 1.64 -14.56 -3.74
N GLY A 95 2.35 -15.67 -3.75
CA GLY A 95 3.14 -16.03 -4.92
C GLY A 95 2.30 -15.98 -6.18
N GLU A 96 1.11 -16.59 -6.13
CA GLU A 96 0.23 -16.58 -7.28
C GLU A 96 -0.06 -15.15 -7.72
N ASN A 97 -0.52 -14.32 -6.78
CA ASN A 97 -0.83 -12.93 -7.08
C ASN A 97 0.36 -12.28 -7.77
N LEU A 98 1.56 -12.71 -7.39
CA LEU A 98 2.77 -12.16 -7.97
C LEU A 98 2.90 -12.62 -9.43
N LYS A 99 2.98 -13.92 -9.66
CA LYS A 99 3.09 -14.47 -11.02
C LYS A 99 1.98 -13.88 -11.86
N THR A 100 0.79 -13.79 -11.27
CA THR A 100 -0.36 -13.24 -11.96
C THR A 100 -0.10 -11.80 -12.35
N LEU A 101 0.76 -11.12 -11.61
CA LEU A 101 1.08 -9.75 -11.92
C LEU A 101 2.12 -9.70 -13.03
N ARG A 102 3.19 -10.48 -12.84
CA ARG A 102 4.26 -10.53 -13.81
C ARG A 102 3.66 -10.81 -15.18
N LEU A 103 2.81 -11.81 -15.26
CA LEU A 103 2.17 -12.18 -16.52
C LEU A 103 1.48 -11.00 -17.18
N ARG A 104 0.72 -10.24 -16.40
CA ARG A 104 0.00 -9.08 -16.92
C ARG A 104 0.92 -7.92 -17.26
N LEU A 105 2.09 -7.88 -16.63
CA LEU A 105 3.04 -6.81 -16.88
C LEU A 105 3.73 -6.95 -18.24
N ARG A 106 4.08 -8.18 -18.61
CA ARG A 106 4.76 -8.43 -19.88
C ARG A 106 3.84 -8.67 -21.07
N ARG A 107 2.54 -8.80 -20.84
CA ARG A 107 1.59 -8.97 -21.93
C ARG A 107 1.44 -7.57 -22.54
N CYS A 108 1.72 -6.55 -21.74
CA CYS A 108 1.65 -5.15 -22.18
C CYS A 108 3.07 -4.57 -22.17
N HIS A 109 3.77 -4.68 -23.29
CA HIS A 109 5.15 -4.19 -23.45
C HIS A 109 5.74 -3.31 -22.33
N ARG A 110 5.96 -2.04 -22.66
CA ARG A 110 6.53 -1.03 -21.77
C ARG A 110 6.93 -1.38 -20.34
N PHE A 111 6.12 -2.18 -19.65
CA PHE A 111 6.44 -2.56 -18.29
C PHE A 111 7.54 -3.61 -18.15
N LEU A 112 7.42 -4.72 -18.88
CA LEU A 112 8.45 -5.74 -18.78
C LEU A 112 8.95 -6.30 -20.12
N PRO A 113 9.52 -5.43 -20.97
CA PRO A 113 10.03 -5.85 -22.28
C PRO A 113 11.08 -6.96 -22.15
N CYS A 114 11.93 -6.83 -21.15
CA CYS A 114 13.02 -7.78 -20.91
C CYS A 114 12.64 -9.24 -20.73
N GLU A 115 11.35 -9.53 -20.61
CA GLU A 115 10.91 -10.91 -20.45
C GLU A 115 10.13 -11.34 -21.69
N ASN A 116 10.15 -10.49 -22.71
CA ASN A 116 9.44 -10.73 -23.97
C ASN A 116 10.33 -11.31 -25.10
N LYS A 117 9.84 -12.39 -25.73
CA LYS A 117 10.55 -13.03 -26.83
C LYS A 117 10.35 -12.21 -28.11
N SER A 118 11.33 -12.27 -29.01
CA SER A 118 11.25 -11.55 -30.28
C SER A 118 10.47 -12.40 -31.27
N LYS A 119 9.52 -11.78 -31.95
CA LYS A 119 8.68 -12.49 -32.92
C LYS A 119 9.47 -12.92 -34.14
N ALA A 120 10.17 -11.97 -34.75
CA ALA A 120 10.98 -12.27 -35.92
C ALA A 120 11.95 -13.41 -35.61
N VAL A 121 12.58 -13.34 -34.44
CA VAL A 121 13.53 -14.36 -34.02
C VAL A 121 12.82 -15.72 -33.88
N GLU A 122 11.54 -15.69 -33.52
CA GLU A 122 10.78 -16.93 -33.37
C GLU A 122 10.57 -17.55 -34.73
N GLN A 123 9.97 -16.79 -35.63
CA GLN A 123 9.72 -17.26 -36.98
C GLN A 123 11.01 -17.76 -37.64
N VAL A 124 12.10 -17.02 -37.47
CA VAL A 124 13.37 -17.43 -38.06
C VAL A 124 13.84 -18.77 -37.51
N LYS A 125 13.77 -18.93 -36.20
CA LYS A 125 14.17 -20.19 -35.58
C LYS A 125 13.34 -21.32 -36.13
N ASN A 126 12.06 -21.04 -36.40
CA ASN A 126 11.19 -22.07 -36.93
C ASN A 126 11.49 -22.35 -38.38
N ALA A 127 11.63 -21.30 -39.19
CA ALA A 127 11.95 -21.49 -40.60
C ALA A 127 13.25 -22.29 -40.68
N PHE A 128 14.13 -22.06 -39.71
CA PHE A 128 15.41 -22.76 -39.64
C PHE A 128 15.19 -24.22 -39.32
N ASN A 129 14.23 -24.49 -38.45
CA ASN A 129 13.91 -25.87 -38.05
C ASN A 129 13.17 -26.56 -39.19
N LYS A 130 12.41 -25.79 -39.96
CA LYS A 130 11.65 -26.33 -41.08
C LYS A 130 12.54 -26.64 -42.27
N LEU A 131 13.82 -26.28 -42.15
CA LEU A 131 14.79 -26.55 -43.20
C LEU A 131 15.64 -27.74 -42.79
N GLN A 132 16.23 -27.65 -41.60
CA GLN A 132 17.07 -28.70 -41.05
C GLN A 132 18.46 -28.63 -41.67
N GLU A 133 18.84 -29.70 -42.37
CA GLU A 133 20.13 -29.78 -43.04
C GLU A 133 20.43 -28.52 -43.85
N LYS A 134 19.50 -28.13 -44.70
CA LYS A 134 19.66 -26.92 -45.53
C LYS A 134 19.71 -25.67 -44.67
N GLY A 135 19.23 -25.79 -43.43
CA GLY A 135 19.21 -24.65 -42.52
C GLY A 135 20.56 -24.22 -41.97
N ILE A 136 21.39 -25.18 -41.59
CA ILE A 136 22.70 -24.86 -41.05
C ILE A 136 23.46 -24.06 -42.11
N TYR A 137 23.35 -24.52 -43.35
CA TYR A 137 24.03 -23.86 -44.46
C TYR A 137 23.56 -22.45 -44.81
N LYS A 138 22.25 -22.23 -44.77
CA LYS A 138 21.73 -20.90 -45.10
C LYS A 138 21.93 -19.88 -43.98
N ALA A 139 21.87 -20.32 -42.72
CA ALA A 139 22.07 -19.40 -41.60
C ALA A 139 23.53 -18.95 -41.64
N MET A 140 24.42 -19.90 -41.85
CA MET A 140 25.85 -19.61 -41.91
C MET A 140 26.24 -18.70 -43.09
N SER A 141 25.71 -18.99 -44.28
CA SER A 141 26.03 -18.18 -45.45
C SER A 141 25.33 -16.82 -45.46
N GLU A 142 24.52 -16.56 -44.43
CA GLU A 142 23.84 -15.28 -44.33
C GLU A 142 24.45 -14.48 -43.19
N PHE A 143 25.48 -15.06 -42.58
CA PHE A 143 26.18 -14.45 -41.46
C PHE A 143 26.52 -12.97 -41.69
N ASP A 144 26.90 -12.62 -42.91
CA ASP A 144 27.24 -11.24 -43.20
C ASP A 144 25.99 -10.39 -43.09
N ILE A 145 24.85 -10.96 -43.43
CA ILE A 145 23.60 -10.21 -43.30
C ILE A 145 23.43 -10.02 -41.80
N PHE A 146 23.78 -11.06 -41.06
CA PHE A 146 23.67 -11.00 -39.62
C PHE A 146 24.49 -9.82 -39.13
N ILE A 147 25.77 -9.81 -39.49
CA ILE A 147 26.65 -8.73 -39.09
C ILE A 147 26.12 -7.38 -39.53
N ASN A 148 25.55 -7.32 -40.72
CA ASN A 148 25.02 -6.05 -41.18
C ASN A 148 23.83 -5.63 -40.33
N TYR A 149 23.12 -6.59 -39.77
CA TYR A 149 21.96 -6.26 -38.91
C TYR A 149 22.51 -5.76 -37.60
N ILE A 150 23.42 -6.54 -37.03
CA ILE A 150 24.01 -6.17 -35.76
C ILE A 150 24.62 -4.78 -35.89
N GLU A 151 25.44 -4.59 -36.91
CA GLU A 151 26.09 -3.31 -37.16
C GLU A 151 25.04 -2.21 -37.31
N ALA A 152 23.98 -2.50 -38.06
CA ALA A 152 22.90 -1.53 -38.26
C ALA A 152 22.35 -1.11 -36.90
N TYR A 153 22.11 -2.10 -36.07
CA TYR A 153 21.59 -1.89 -34.72
C TYR A 153 22.44 -0.86 -33.99
N MET A 154 23.71 -1.20 -33.78
CA MET A 154 24.63 -0.32 -33.09
C MET A 154 24.59 1.12 -33.57
N THR A 155 24.46 1.32 -34.88
CA THR A 155 24.42 2.65 -35.46
C THR A 155 23.13 3.41 -35.12
N MET A 156 22.52 3.05 -34.01
CA MET A 156 21.29 3.72 -33.55
C MET A 156 21.32 3.94 -32.04
N GLY B 2 8.76 -11.61 42.02
CA GLY B 2 7.70 -10.67 42.48
C GLY B 2 8.02 -9.21 42.19
N THR B 3 9.28 -8.83 42.39
CA THR B 3 9.72 -7.46 42.15
C THR B 3 9.49 -6.99 40.70
N GLU B 4 8.82 -7.83 39.92
CA GLU B 4 8.56 -7.52 38.52
C GLU B 4 7.36 -6.61 38.31
N LEU B 5 7.46 -5.75 37.30
CA LEU B 5 6.38 -4.83 36.94
C LEU B 5 5.91 -5.25 35.55
N PRO B 6 4.66 -5.74 35.43
CA PRO B 6 4.07 -6.19 34.16
C PRO B 6 4.15 -5.22 32.97
N SER B 7 4.43 -5.77 31.79
CA SER B 7 4.54 -4.95 30.59
C SER B 7 3.18 -4.74 29.94
N PRO B 8 3.03 -3.64 29.18
CA PRO B 8 1.74 -3.39 28.53
C PRO B 8 1.37 -4.61 27.68
N PRO B 9 0.14 -5.14 27.85
CA PRO B 9 -0.28 -6.30 27.07
C PRO B 9 -0.11 -6.15 25.54
N SER B 10 -0.34 -4.94 25.02
CA SER B 10 -0.18 -4.71 23.58
C SER B 10 -0.13 -3.24 23.18
N VAL B 11 0.61 -2.98 22.10
CA VAL B 11 0.80 -1.62 21.57
C VAL B 11 0.54 -1.59 20.07
N TRP B 12 -0.38 -0.73 19.64
CA TRP B 12 -0.71 -0.67 18.23
C TRP B 12 -0.99 0.75 17.79
N PHE B 13 -0.79 1.02 16.51
CA PHE B 13 -1.07 2.33 15.97
C PHE B 13 -2.52 2.44 15.52
N GLU B 14 -3.00 3.67 15.49
CA GLU B 14 -4.34 3.97 15.03
C GLU B 14 -4.18 5.32 14.36
N ALA B 15 -4.22 5.35 13.04
CA ALA B 15 -4.00 6.64 12.40
C ALA B 15 -4.81 6.98 11.17
N GLU B 16 -4.92 8.29 10.93
CA GLU B 16 -5.58 8.84 9.75
C GLU B 16 -4.50 9.73 9.11
N PHE B 17 -4.79 10.35 7.98
CA PHE B 17 -3.81 11.20 7.30
C PHE B 17 -3.19 12.24 8.25
N PHE B 18 -1.93 12.03 8.61
CA PHE B 18 -1.19 12.93 9.52
C PHE B 18 -1.87 13.10 10.89
N HIS B 19 -2.17 11.96 11.52
CA HIS B 19 -2.78 11.89 12.84
C HIS B 19 -2.44 10.49 13.30
N HIS B 20 -1.17 10.28 13.61
CA HIS B 20 -0.64 8.98 13.99
C HIS B 20 -0.65 8.76 15.50
N ILE B 21 -1.71 8.15 16.02
CA ILE B 21 -1.84 7.90 17.44
C ILE B 21 -1.45 6.52 17.91
N LEU B 22 -0.52 6.46 18.85
CA LEU B 22 -0.09 5.19 19.41
C LEU B 22 -1.10 4.82 20.51
N HIS B 23 -1.35 3.53 20.68
CA HIS B 23 -2.31 3.04 21.67
C HIS B 23 -1.76 1.84 22.39
N TRP B 24 -2.26 1.58 23.60
CA TRP B 24 -1.82 0.42 24.38
C TRP B 24 -2.76 0.07 25.53
N THR B 25 -2.68 -1.18 25.95
CA THR B 25 -3.49 -1.70 27.03
C THR B 25 -2.72 -1.57 28.35
N PRO B 26 -3.38 -1.05 29.38
CA PRO B 26 -2.69 -0.89 30.67
C PRO B 26 -2.28 -2.22 31.29
N ILE B 27 -1.28 -2.17 32.16
CA ILE B 27 -0.85 -3.37 32.87
C ILE B 27 -1.99 -3.68 33.86
N PRO B 28 -2.06 -4.93 34.35
CA PRO B 28 -3.14 -5.25 35.29
C PRO B 28 -2.96 -4.66 36.69
N GLN B 29 -4.05 -4.12 37.23
CA GLN B 29 -4.02 -3.55 38.59
C GLN B 29 -2.95 -2.45 38.69
N GLN B 30 -3.10 -1.47 37.82
CA GLN B 30 -2.20 -0.33 37.75
C GLN B 30 -2.50 0.73 38.80
N SER B 31 -1.50 1.04 39.61
CA SER B 31 -1.63 2.08 40.63
C SER B 31 -1.62 3.40 39.87
N GLU B 32 -2.01 4.48 40.53
CA GLU B 32 -2.02 5.76 39.84
C GLU B 32 -0.65 6.44 39.73
N SER B 33 0.35 5.98 40.47
CA SER B 33 1.68 6.59 40.35
C SER B 33 2.40 6.01 39.13
N THR B 34 1.80 5.03 38.46
CA THR B 34 2.39 4.41 37.27
C THR B 34 2.11 5.17 35.96
N CYS B 35 3.11 5.24 35.09
CA CYS B 35 2.95 5.87 33.76
C CYS B 35 3.71 5.09 32.70
N TYR B 36 3.56 5.50 31.44
CA TYR B 36 4.20 4.78 30.38
C TYR B 36 5.24 5.57 29.62
N GLU B 37 6.36 4.91 29.33
CA GLU B 37 7.42 5.54 28.57
C GLU B 37 7.24 5.07 27.14
N VAL B 38 7.19 5.99 26.21
CA VAL B 38 7.00 5.68 24.81
C VAL B 38 8.27 5.95 24.03
N ALA B 39 8.67 4.97 23.22
CA ALA B 39 9.88 5.08 22.42
C ALA B 39 9.56 4.91 20.94
N LEU B 40 10.48 5.34 20.07
CA LEU B 40 10.28 5.26 18.63
C LEU B 40 11.50 4.75 17.85
N LEU B 41 11.28 4.25 16.64
CA LEU B 41 12.36 3.71 15.80
C LEU B 41 11.96 3.89 14.34
N ARG B 42 12.87 4.40 13.51
CA ARG B 42 12.57 4.58 12.09
C ARG B 42 13.22 3.39 11.40
N TYR B 43 12.43 2.56 10.74
CA TYR B 43 12.95 1.37 10.08
C TYR B 43 14.12 1.65 9.14
N GLY B 44 15.27 1.03 9.44
CA GLY B 44 16.47 1.21 8.63
C GLY B 44 17.59 1.76 9.49
N ILE B 45 17.21 2.29 10.64
CA ILE B 45 18.15 2.85 11.58
C ILE B 45 17.92 2.11 12.88
N GLU B 46 18.94 1.39 13.32
CA GLU B 46 18.84 0.64 14.56
C GLU B 46 19.00 1.63 15.70
N SER B 47 17.95 2.40 15.99
CA SER B 47 18.04 3.38 17.07
C SER B 47 16.69 3.77 17.67
N TRP B 48 16.50 3.40 18.94
CA TRP B 48 15.26 3.73 19.64
C TRP B 48 15.35 5.10 20.28
N ASN B 49 14.33 5.91 20.05
CA ASN B 49 14.32 7.25 20.58
C ASN B 49 13.17 7.47 21.54
N SER B 50 13.48 7.67 22.81
CA SER B 50 12.42 7.89 23.80
C SER B 50 11.74 9.20 23.45
N ILE B 51 10.43 9.14 23.28
CA ILE B 51 9.66 10.31 22.92
C ILE B 51 9.09 10.95 24.16
N SER B 52 8.44 10.14 25.00
CA SER B 52 7.89 10.62 26.26
C SER B 52 8.39 9.69 27.35
N GLN B 53 8.95 10.30 28.38
CA GLN B 53 9.50 9.59 29.52
C GLN B 53 8.39 9.14 30.47
N CYS B 54 7.26 9.81 30.43
CA CYS B 54 6.15 9.47 31.31
C CYS B 54 4.85 10.06 30.81
N SER B 55 3.90 9.18 30.53
CA SER B 55 2.61 9.63 30.09
C SER B 55 1.58 8.84 30.87
N GLN B 56 0.69 9.56 31.56
CA GLN B 56 -0.36 8.92 32.34
C GLN B 56 -1.63 8.95 31.48
N THR B 57 -1.66 8.05 30.51
CA THR B 57 -2.76 7.88 29.56
C THR B 57 -2.50 6.57 28.82
N LEU B 58 -3.43 6.19 27.95
CA LEU B 58 -3.29 4.95 27.19
C LEU B 58 -3.09 5.21 25.69
N SER B 59 -2.85 6.46 25.32
CA SER B 59 -2.60 6.80 23.92
C SER B 59 -1.54 7.88 23.87
N TYR B 60 -1.06 8.21 22.68
CA TYR B 60 -0.03 9.25 22.54
C TYR B 60 0.10 9.69 21.09
N ASP B 61 -0.07 10.98 20.83
CA ASP B 61 0.00 11.48 19.47
C ASP B 61 1.46 11.56 18.99
N LEU B 62 1.83 10.61 18.14
CA LEU B 62 3.19 10.55 17.61
C LEU B 62 3.35 11.22 16.25
N THR B 63 2.33 11.91 15.78
CA THR B 63 2.41 12.56 14.48
C THR B 63 3.70 13.33 14.27
N ALA B 64 3.90 14.39 15.05
CA ALA B 64 5.09 15.24 14.96
C ALA B 64 6.41 14.48 14.79
N VAL B 65 6.51 13.27 15.34
CA VAL B 65 7.76 12.52 15.21
C VAL B 65 7.73 11.43 14.13
N THR B 66 6.78 11.55 13.22
CA THR B 66 6.63 10.61 12.11
C THR B 66 6.02 11.37 10.95
N LEU B 67 6.45 12.61 10.76
CA LEU B 67 5.96 13.46 9.67
C LEU B 67 6.51 13.08 8.30
N ASP B 68 7.41 12.10 8.28
CA ASP B 68 8.00 11.66 7.03
C ASP B 68 7.64 10.19 6.83
N LEU B 69 6.42 9.86 7.21
CA LEU B 69 5.93 8.49 7.12
C LEU B 69 5.63 8.09 5.69
N TYR B 70 5.08 9.02 4.93
CA TYR B 70 4.72 8.75 3.55
C TYR B 70 5.88 8.78 2.56
N HIS B 71 7.09 9.06 3.06
CA HIS B 71 8.28 9.07 2.23
C HIS B 71 9.30 8.21 2.96
N SER B 72 8.80 7.20 3.67
CA SER B 72 9.68 6.32 4.43
C SER B 72 9.22 4.86 4.35
N ASN B 73 9.96 4.01 5.06
CA ASN B 73 9.68 2.59 5.12
C ASN B 73 8.95 2.24 6.40
N GLY B 74 8.52 3.27 7.12
CA GLY B 74 7.77 3.06 8.34
C GLY B 74 8.50 3.08 9.67
N TYR B 75 7.73 2.84 10.73
CA TYR B 75 8.30 2.84 12.06
C TYR B 75 7.89 1.67 12.93
N ARG B 76 8.48 1.66 14.12
CA ARG B 76 8.23 0.67 15.16
C ARG B 76 8.11 1.52 16.43
N ALA B 77 7.15 1.18 17.28
CA ALA B 77 6.97 1.92 18.51
C ALA B 77 6.89 0.92 19.65
N ARG B 78 7.40 1.31 20.82
CA ARG B 78 7.37 0.42 21.97
C ARG B 78 6.95 1.16 23.23
N VAL B 79 6.38 0.43 24.18
CA VAL B 79 5.92 1.04 25.41
C VAL B 79 6.30 0.17 26.58
N ARG B 80 6.60 0.81 27.69
CA ARG B 80 6.93 0.06 28.88
C ARG B 80 6.34 0.81 30.09
N ALA B 81 6.04 0.06 31.14
CA ALA B 81 5.45 0.64 32.34
C ALA B 81 6.56 1.10 33.29
N VAL B 82 6.33 2.24 33.95
CA VAL B 82 7.30 2.77 34.91
C VAL B 82 6.58 3.19 36.19
N ASP B 83 7.12 2.77 37.32
CA ASP B 83 6.55 3.10 38.63
C ASP B 83 7.71 3.17 39.62
N GLY B 84 7.98 4.37 40.14
CA GLY B 84 9.09 4.51 41.07
C GLY B 84 10.35 4.24 40.29
N SER B 85 11.24 3.40 40.79
CA SER B 85 12.45 3.12 40.05
C SER B 85 12.45 1.77 39.35
N ARG B 86 11.27 1.25 39.01
CA ARG B 86 11.20 -0.02 38.30
C ARG B 86 10.40 0.14 37.01
N HIS B 87 10.73 -0.67 36.01
CA HIS B 87 10.03 -0.62 34.74
C HIS B 87 9.89 -1.98 34.04
N SER B 88 8.79 -2.15 33.34
CA SER B 88 8.49 -3.40 32.63
C SER B 88 9.38 -3.58 31.41
N GLN B 89 9.24 -4.75 30.78
CA GLN B 89 9.98 -5.04 29.56
C GLN B 89 9.24 -4.17 28.56
N TRP B 90 9.86 -3.92 27.41
CA TRP B 90 9.20 -3.11 26.40
C TRP B 90 8.19 -3.97 25.66
N THR B 91 7.12 -3.34 25.19
CA THR B 91 6.12 -4.03 24.38
C THR B 91 6.10 -3.25 23.07
N VAL B 92 6.56 -3.91 22.00
CA VAL B 92 6.63 -3.30 20.69
C VAL B 92 5.44 -3.64 19.81
N THR B 93 5.17 -2.78 18.84
CA THR B 93 4.05 -3.02 17.94
C THR B 93 4.36 -4.31 17.20
N ASN B 94 3.33 -5.09 16.91
CA ASN B 94 3.51 -6.34 16.18
C ASN B 94 3.95 -6.13 14.73
N THR B 95 3.50 -5.03 14.14
CA THR B 95 3.83 -4.73 12.76
C THR B 95 4.44 -3.36 12.56
N ARG B 96 5.21 -3.22 11.49
CA ARG B 96 5.85 -1.96 11.18
C ARG B 96 4.75 -1.03 10.71
N PHE B 97 4.65 0.10 11.37
CA PHE B 97 3.65 1.08 11.03
C PHE B 97 4.08 1.77 9.73
N SER B 98 3.24 1.72 8.71
CA SER B 98 3.58 2.34 7.44
C SER B 98 2.32 2.97 6.89
N VAL B 99 2.39 3.48 5.67
CA VAL B 99 1.22 4.10 5.05
C VAL B 99 0.11 3.06 4.87
N ASP B 100 0.48 1.79 4.90
CA ASP B 100 -0.52 0.73 4.76
C ASP B 100 -1.44 0.70 5.99
N GLU B 101 -0.97 1.17 7.14
CA GLU B 101 -1.82 1.13 8.31
C GLU B 101 -2.53 2.44 8.63
N VAL B 102 -2.73 3.27 7.61
CA VAL B 102 -3.40 4.54 7.76
C VAL B 102 -4.84 4.46 7.23
N THR B 103 -5.82 4.87 8.04
CA THR B 103 -7.22 4.87 7.63
C THR B 103 -7.54 6.13 6.81
N LEU B 104 -8.00 5.95 5.58
CA LEU B 104 -8.33 7.07 4.71
C LEU B 104 -9.64 7.73 5.15
N THR B 105 -9.72 9.05 5.01
CA THR B 105 -10.92 9.82 5.36
C THR B 105 -11.00 11.05 4.46
N VAL B 106 -12.16 11.69 4.43
CA VAL B 106 -12.33 12.88 3.62
C VAL B 106 -12.31 14.15 4.50
N GLY B 107 -11.97 15.28 3.91
CA GLY B 107 -11.94 16.52 4.66
C GLY B 107 -13.34 17.01 4.96
N SER B 108 -14.23 16.91 3.97
CA SER B 108 -15.62 17.33 4.10
C SER B 108 -16.32 17.12 2.77
N VAL B 109 -17.62 17.42 2.73
CA VAL B 109 -18.40 17.25 1.52
C VAL B 109 -19.33 18.44 1.33
N ASN B 110 -19.28 19.05 0.15
CA ASN B 110 -20.15 20.19 -0.16
C ASN B 110 -21.24 19.73 -1.11
N LEU B 111 -22.44 20.27 -0.93
CA LEU B 111 -23.58 19.89 -1.76
C LEU B 111 -24.33 21.12 -2.28
N GLU B 112 -24.64 21.11 -3.58
CA GLU B 112 -25.37 22.20 -4.22
C GLU B 112 -26.55 21.57 -4.94
N ILE B 113 -27.65 22.31 -5.07
CA ILE B 113 -28.81 21.77 -5.77
C ILE B 113 -28.99 22.43 -7.14
N HIS B 114 -29.20 21.60 -8.16
CA HIS B 114 -29.39 22.07 -9.52
C HIS B 114 -30.77 21.67 -10.04
N ASN B 115 -30.89 21.48 -11.35
CA ASN B 115 -32.15 21.08 -11.95
C ASN B 115 -32.48 19.70 -11.38
N GLY B 116 -32.10 18.64 -12.08
CA GLY B 116 -32.34 17.30 -11.58
C GLY B 116 -31.05 16.72 -11.04
N PHE B 117 -30.02 17.57 -10.98
CA PHE B 117 -28.72 17.18 -10.47
C PHE B 117 -28.41 17.86 -9.15
N ILE B 118 -27.64 17.17 -8.31
CA ILE B 118 -27.17 17.73 -7.06
C ILE B 118 -25.67 17.57 -7.22
N LEU B 119 -24.96 18.70 -7.22
CA LEU B 119 -23.52 18.68 -7.39
C LEU B 119 -22.83 18.38 -6.06
N GLY B 120 -21.93 17.41 -6.08
CA GLY B 120 -21.19 17.03 -4.90
C GLY B 120 -19.71 17.16 -5.10
N LYS B 121 -19.03 17.76 -4.12
CA LYS B 121 -17.60 17.95 -4.19
C LYS B 121 -16.95 17.46 -2.90
N ILE B 122 -15.96 16.59 -3.06
CA ILE B 122 -15.27 15.98 -1.93
C ILE B 122 -13.97 16.70 -1.59
N GLN B 123 -13.93 17.23 -0.37
CA GLN B 123 -12.77 17.96 0.14
C GLN B 123 -11.86 17.00 0.87
N LEU B 124 -10.73 16.66 0.25
CA LEU B 124 -9.79 15.77 0.89
C LEU B 124 -9.22 16.46 2.12
N PRO B 125 -8.78 15.69 3.13
CA PRO B 125 -8.23 16.22 4.37
C PRO B 125 -6.92 17.00 4.26
N ARG B 126 -6.89 18.15 4.91
CA ARG B 126 -5.72 19.01 4.94
C ARG B 126 -5.39 19.24 6.41
N PRO B 127 -4.84 18.23 7.09
CA PRO B 127 -4.51 18.41 8.50
C PRO B 127 -3.45 19.49 8.68
N LYS B 128 -3.32 20.03 9.89
CA LYS B 128 -2.34 21.06 10.15
C LYS B 128 -0.94 20.48 10.05
N MET B 129 -0.66 19.52 10.92
CA MET B 129 0.64 18.85 10.99
C MET B 129 1.23 18.44 9.63
N ALA B 130 0.41 18.40 8.59
CA ALA B 130 0.88 18.01 7.27
C ALA B 130 1.69 19.09 6.58
N PRO B 131 2.96 18.80 6.25
CA PRO B 131 3.81 19.78 5.56
C PRO B 131 3.20 20.00 4.17
N ALA B 132 3.38 21.20 3.62
CA ALA B 132 2.83 21.51 2.30
C ALA B 132 3.16 20.48 1.22
N GLN B 133 4.44 20.13 1.08
CA GLN B 133 4.88 19.15 0.07
C GLN B 133 4.02 17.89 0.06
N ASP B 134 3.39 17.57 1.19
CA ASP B 134 2.59 16.36 1.29
C ASP B 134 1.08 16.52 1.36
N THR B 135 0.45 16.74 0.21
CA THR B 135 -0.99 16.86 0.14
C THR B 135 -1.53 15.45 -0.10
N TYR B 136 -2.79 15.20 0.27
CA TYR B 136 -3.40 13.88 0.09
C TYR B 136 -3.22 13.44 -1.37
N GLU B 137 -3.58 14.32 -2.30
CA GLU B 137 -3.45 14.04 -3.73
C GLU B 137 -2.01 13.70 -4.10
N SER B 138 -1.06 14.42 -3.51
CA SER B 138 0.36 14.21 -3.75
C SER B 138 0.84 12.83 -3.29
N ILE B 139 0.30 12.35 -2.18
CA ILE B 139 0.69 11.05 -1.65
C ILE B 139 -0.03 9.94 -2.38
N PHE B 140 -1.34 10.12 -2.56
CA PHE B 140 -2.17 9.14 -3.26
C PHE B 140 -2.59 9.83 -4.56
N SER B 141 -1.65 9.89 -5.49
CA SER B 141 -1.83 10.54 -6.77
C SER B 141 -2.79 9.86 -7.74
N HIS B 142 -2.85 8.53 -7.71
CA HIS B 142 -3.74 7.83 -8.63
C HIS B 142 -4.64 6.82 -7.93
N PHE B 143 -5.75 6.50 -8.58
CA PHE B 143 -6.70 5.50 -8.11
C PHE B 143 -7.48 5.85 -6.87
N ARG B 144 -7.76 7.13 -6.68
CA ARG B 144 -8.55 7.56 -5.56
C ARG B 144 -10.02 7.37 -5.93
N GLU B 145 -10.76 6.67 -5.09
CA GLU B 145 -12.17 6.41 -5.33
C GLU B 145 -12.98 6.75 -4.09
N TYR B 146 -14.30 6.71 -4.22
CA TYR B 146 -15.18 7.01 -3.10
C TYR B 146 -16.51 6.28 -3.25
N GLU B 147 -16.97 5.68 -2.16
CA GLU B 147 -18.26 5.03 -2.13
C GLU B 147 -19.16 6.10 -1.57
N ILE B 148 -20.37 6.24 -2.12
CA ILE B 148 -21.29 7.25 -1.61
C ILE B 148 -22.60 6.62 -1.14
N ALA B 149 -23.13 7.12 -0.03
CA ALA B 149 -24.40 6.62 0.48
C ALA B 149 -25.36 7.81 0.51
N ILE B 150 -26.57 7.61 -0.02
CA ILE B 150 -27.55 8.67 -0.05
C ILE B 150 -28.87 8.30 0.64
N ARG B 151 -29.27 9.14 1.58
CA ARG B 151 -30.49 8.93 2.33
C ARG B 151 -31.49 10.05 2.06
N LYS B 152 -32.76 9.68 1.96
CA LYS B 152 -33.83 10.64 1.71
C LYS B 152 -34.48 11.00 3.03
N VAL B 153 -34.91 12.25 3.17
CA VAL B 153 -35.62 12.71 4.36
C VAL B 153 -36.65 13.76 3.92
N PRO B 154 -37.92 13.63 4.37
CA PRO B 154 -38.47 12.59 5.23
C PRO B 154 -38.19 11.22 4.64
N GLY B 155 -38.21 10.20 5.48
CA GLY B 155 -37.95 8.86 5.00
C GLY B 155 -37.42 7.98 6.10
N GLN B 156 -37.10 6.74 5.76
CA GLN B 156 -36.58 5.80 6.74
C GLN B 156 -35.08 5.79 6.62
N PHE B 157 -34.43 5.01 7.48
CA PHE B 157 -32.98 4.95 7.45
C PHE B 157 -32.49 3.98 6.39
N THR B 158 -32.62 4.37 5.12
CA THR B 158 -32.19 3.50 4.03
C THR B 158 -31.30 4.31 3.09
N PHE B 159 -30.42 3.64 2.39
CA PHE B 159 -29.50 4.32 1.49
C PHE B 159 -29.35 3.71 0.12
N THR B 160 -29.09 4.56 -0.85
CA THR B 160 -28.83 4.11 -2.20
C THR B 160 -27.31 4.21 -2.25
N HIS B 161 -26.66 3.22 -2.85
CA HIS B 161 -25.21 3.20 -2.93
C HIS B 161 -24.75 3.50 -4.35
N LYS B 162 -23.72 4.35 -4.45
CA LYS B 162 -23.13 4.77 -5.70
C LYS B 162 -21.59 4.75 -5.62
N LYS B 163 -20.95 4.42 -6.73
CA LYS B 163 -19.50 4.33 -6.78
C LYS B 163 -18.91 5.35 -7.76
N VAL B 164 -18.06 6.23 -7.25
CA VAL B 164 -17.43 7.24 -8.11
C VAL B 164 -15.92 7.13 -8.06
N LYS B 165 -15.25 7.76 -9.03
CA LYS B 165 -13.80 7.72 -9.09
C LYS B 165 -13.25 9.15 -9.18
N HIS B 166 -14.10 10.11 -8.83
CA HIS B 166 -13.76 11.52 -8.85
C HIS B 166 -14.15 12.20 -7.54
N GLU B 167 -13.46 13.27 -7.20
CA GLU B 167 -13.78 13.99 -5.98
C GLU B 167 -15.13 14.69 -6.15
N GLN B 168 -15.59 14.79 -7.39
CA GLN B 168 -16.87 15.42 -7.66
C GLN B 168 -17.82 14.41 -8.30
N PHE B 169 -19.10 14.54 -7.99
CA PHE B 169 -20.12 13.63 -8.51
C PHE B 169 -21.45 14.36 -8.61
N SER B 170 -22.45 13.69 -9.15
CA SER B 170 -23.78 14.26 -9.27
C SER B 170 -24.84 13.29 -8.76
N LEU B 171 -25.95 13.82 -8.27
CA LEU B 171 -27.03 12.98 -7.77
C LEU B 171 -28.33 13.34 -8.48
N LEU B 172 -28.97 12.32 -9.04
CA LEU B 172 -30.22 12.49 -9.77
C LEU B 172 -31.41 12.74 -8.85
N THR B 173 -32.02 13.92 -8.98
CA THR B 173 -33.20 14.27 -8.19
C THR B 173 -34.38 13.99 -9.12
N SER B 174 -34.55 12.70 -9.45
CA SER B 174 -35.59 12.20 -10.34
C SER B 174 -36.90 12.97 -10.43
N GLY B 175 -37.26 13.71 -9.38
CA GLY B 175 -38.51 14.44 -9.40
C GLY B 175 -39.13 14.28 -8.04
N GLU B 176 -38.33 14.60 -7.04
CA GLU B 176 -38.72 14.46 -5.66
C GLU B 176 -38.28 15.71 -4.95
N VAL B 177 -38.72 15.84 -3.71
CA VAL B 177 -38.41 16.99 -2.87
C VAL B 177 -37.76 16.48 -1.59
N GLY B 178 -37.72 17.33 -0.57
CA GLY B 178 -37.14 16.92 0.69
C GLY B 178 -35.65 17.07 0.79
N GLU B 179 -35.15 16.68 1.95
CA GLU B 179 -33.75 16.77 2.26
C GLU B 179 -33.01 15.52 1.77
N PHE B 180 -31.73 15.70 1.45
CA PHE B 180 -30.87 14.62 0.95
C PHE B 180 -29.56 14.55 1.74
N CYS B 181 -29.40 13.53 2.56
CA CYS B 181 -28.17 13.40 3.32
C CYS B 181 -27.19 12.47 2.60
N VAL B 182 -25.91 12.82 2.72
CA VAL B 182 -24.83 12.13 2.04
C VAL B 182 -23.61 11.85 2.91
N GLN B 183 -22.95 10.73 2.63
CA GLN B 183 -21.75 10.37 3.35
C GLN B 183 -20.86 9.66 2.33
N VAL B 184 -19.55 9.85 2.46
CA VAL B 184 -18.63 9.26 1.53
C VAL B 184 -17.52 8.51 2.26
N LYS B 185 -17.08 7.40 1.68
CA LYS B 185 -15.98 6.64 2.24
C LYS B 185 -14.95 6.58 1.14
N PRO B 186 -13.70 6.99 1.43
CA PRO B 186 -12.62 7.00 0.45
C PRO B 186 -11.82 5.71 0.36
N SER B 187 -11.07 5.58 -0.73
CA SER B 187 -10.21 4.40 -0.94
C SER B 187 -9.21 4.62 -2.07
N VAL B 188 -8.23 3.72 -2.16
CA VAL B 188 -7.21 3.81 -3.21
C VAL B 188 -7.21 2.47 -3.90
N ALA B 189 -7.63 2.46 -5.16
CA ALA B 189 -7.75 1.22 -5.94
C ALA B 189 -6.61 0.22 -5.81
N SER B 190 -5.37 0.70 -5.73
CA SER B 190 -4.19 -0.16 -5.60
C SER B 190 -3.85 -0.52 -4.16
N ARG B 191 -4.30 0.30 -3.22
CA ARG B 191 -4.04 0.07 -1.80
C ARG B 191 -5.21 -0.69 -1.19
N SER B 192 -4.97 -1.33 -0.05
CA SER B 192 -6.03 -2.07 0.62
C SER B 192 -6.44 -1.36 1.90
N ASN B 193 -5.95 -0.14 2.08
CA ASN B 193 -6.25 0.67 3.26
C ASN B 193 -7.74 0.84 3.56
N LYS B 194 -8.13 0.48 4.76
CA LYS B 194 -9.51 0.64 5.19
C LYS B 194 -9.83 2.14 5.22
N GLY B 195 -11.12 2.48 5.09
CA GLY B 195 -11.55 3.87 5.10
C GLY B 195 -12.68 4.11 6.09
N MET B 196 -13.07 5.37 6.28
CA MET B 196 -14.15 5.67 7.19
C MET B 196 -15.21 6.53 6.53
N TRP B 197 -16.47 6.27 6.87
CA TRP B 197 -17.56 7.05 6.35
C TRP B 197 -17.50 8.45 6.91
N SER B 198 -17.78 9.44 6.06
CA SER B 198 -17.72 10.82 6.49
C SER B 198 -18.92 11.20 7.36
N LYS B 199 -18.78 12.30 8.09
CA LYS B 199 -19.87 12.79 8.91
C LYS B 199 -20.90 13.08 7.84
N GLU B 200 -22.15 12.70 8.07
CA GLU B 200 -23.18 12.95 7.08
C GLU B 200 -23.21 14.44 6.80
N GLU B 201 -23.63 14.79 5.60
CA GLU B 201 -23.71 16.17 5.16
C GLU B 201 -25.05 16.20 4.45
N CYS B 202 -25.97 17.05 4.91
CA CYS B 202 -27.29 17.11 4.27
C CYS B 202 -27.53 18.45 3.60
N ILE B 203 -28.61 18.53 2.84
CA ILE B 203 -28.98 19.75 2.16
C ILE B 203 -30.48 19.81 1.92
N SER B 204 -31.10 20.87 2.41
CA SER B 204 -32.54 21.06 2.23
C SER B 204 -32.78 21.50 0.79
N LEU B 205 -33.41 20.64 0.00
CA LEU B 205 -33.69 20.97 -1.39
C LEU B 205 -34.73 22.08 -1.35
N THR B 206 -35.43 22.16 -0.22
CA THR B 206 -36.47 23.17 0.01
C THR B 206 -36.28 23.85 1.37
#